data_7XKY
#
_entry.id   7XKY
#
_cell.length_a   116.949
_cell.length_b   61.700
_cell.length_c   83.880
_cell.angle_alpha   90.00
_cell.angle_beta   123.90
_cell.angle_gamma   90.00
#
_symmetry.space_group_name_H-M   'C 1 2 1'
#
loop_
_entity.id
_entity.type
_entity.pdbx_description
1 polymer 'Fumarate hydratase'
2 polymer 'Fumarate hydratase'
3 water water
#
loop_
_entity_poly.entity_id
_entity_poly.type
_entity_poly.pdbx_seq_one_letter_code
_entity_poly.pdbx_strand_id
1 'polypeptide(L)'
;(MSE)GSSHHHHHHSQDPKISDVVVELFREAAIYLPEDVKNALEEAYKKESSEISKNTLKAIIENNKIAEETQVPLCQDT
GVPIVFLKIGKNINSSEI(MSE)KIIEEIKEGVKKATEEVPLRPNVVHPLTRENFKTNVGLNSPFINIEFDESLDREIEI
IAFPKGAGSEN(MSE)SALK(MSE)LKPSDGIEGIKNFVLETIANAGGKPCPPIVVGIGIGGTADVALKLAKKALLRKIG
ERHRDKEIANLEKELLEKINSLGIGA(MSE)GLGGDITALDVFIEIAGCHTASLPVGICIQCWADRRAIKRIKLDAKL
;
A
2 'polypeptide(L)'
;(MSE)EYTFNKLTKKDVKKLKVGDIVYLNGKIYTARDEAHLKIIE(MSE)LKSNEKLPFDLNESIIYHAGPI(MSE)KKV
NDSWVCVSIGPTTSAR(MSE)NDVEEEFIKLTNISAIVGKGG(MSE)KKELLKTFEDYGVVYLAAPGGCAALLANSVKRV
DNVYFLDELG(MSE)PEAVWELEVNNFGPLIVA(MSE)DSHGNSIYEEVNKKVYEKLNELIGL
;
B
#
# COMPACT_ATOMS: atom_id res chain seq x y z
N LYS A 15 26.75 15.75 8.81
CA LYS A 15 25.48 15.97 9.63
C LYS A 15 24.27 15.39 8.89
N ILE A 16 24.54 14.86 7.70
CA ILE A 16 23.52 14.56 6.64
C ILE A 16 22.69 13.37 7.13
N SER A 17 23.32 12.38 7.74
CA SER A 17 22.61 11.17 8.22
C SER A 17 21.38 11.55 9.06
N ASP A 18 21.47 12.57 9.92
CA ASP A 18 20.35 12.98 10.83
C ASP A 18 19.29 13.72 10.01
N VAL A 19 19.68 14.49 9.00
CA VAL A 19 18.73 15.14 8.07
C VAL A 19 17.97 14.04 7.30
N VAL A 20 18.67 12.99 6.84
CA VAL A 20 18.11 11.82 6.11
C VAL A 20 17.06 11.15 6.99
N VAL A 21 17.35 10.98 8.28
CA VAL A 21 16.39 10.38 9.26
C VAL A 21 15.13 11.23 9.30
N GLU A 22 15.26 12.57 9.33
CA GLU A 22 14.10 13.50 9.49
C GLU A 22 13.31 13.50 8.19
N LEU A 23 14.02 13.24 7.09
CA LEU A 23 13.45 13.16 5.73
C LEU A 23 12.56 11.90 5.61
N PHE A 24 13.03 10.73 6.08
CA PHE A 24 12.23 9.47 6.08
C PHE A 24 11.08 9.59 7.10
N ARG A 25 11.25 10.29 8.21
CA ARG A 25 10.14 10.50 9.20
C ARG A 25 9.05 11.32 8.51
N GLU A 26 9.42 12.43 7.90
CA GLU A 26 8.51 13.29 7.10
C GLU A 26 7.69 12.39 6.15
N ALA A 27 8.39 11.62 5.31
CA ALA A 27 7.82 10.84 4.19
C ALA A 27 6.91 9.77 4.76
N ALA A 28 7.29 9.19 5.90
CA ALA A 28 6.56 8.04 6.47
C ALA A 28 5.27 8.50 7.19
N ILE A 29 5.17 9.76 7.65
CA ILE A 29 4.05 10.21 8.55
C ILE A 29 3.15 11.27 7.92
N TYR A 30 3.72 12.23 7.21
CA TYR A 30 3.01 13.43 6.70
C TYR A 30 2.81 13.27 5.20
N LEU A 31 1.59 13.03 4.76
CA LEU A 31 1.28 12.85 3.34
C LEU A 31 1.37 14.21 2.66
N PRO A 32 2.01 14.38 1.48
CA PRO A 32 2.09 15.72 0.91
C PRO A 32 0.68 16.30 0.78
N GLU A 33 0.59 17.59 1.04
CA GLU A 33 -0.66 18.39 0.93
C GLU A 33 -1.34 18.23 -0.44
N ASP A 34 -0.60 18.12 -1.55
CA ASP A 34 -1.26 18.03 -2.88
C ASP A 34 -2.05 16.72 -2.98
N VAL A 35 -1.64 15.70 -2.20
CA VAL A 35 -2.24 14.34 -2.25
C VAL A 35 -3.46 14.35 -1.31
N LYS A 36 -3.38 15.03 -0.18
CA LYS A 36 -4.50 15.13 0.78
C LYS A 36 -5.64 15.90 0.10
N ASN A 37 -5.30 17.00 -0.56
CA ASN A 37 -6.32 17.79 -1.30
C ASN A 37 -7.00 16.90 -2.35
N ALA A 38 -6.23 16.19 -3.16
CA ALA A 38 -6.73 15.29 -4.21
C ALA A 38 -7.64 14.23 -3.57
N LEU A 39 -7.32 13.78 -2.34
CA LEU A 39 -8.19 12.77 -1.69
C LEU A 39 -9.51 13.42 -1.27
N GLU A 40 -9.50 14.67 -0.74
CA GLU A 40 -10.72 15.43 -0.36
C GLU A 40 -11.60 15.60 -1.61
N GLU A 41 -11.00 16.04 -2.71
CA GLU A 41 -11.70 16.18 -4.02
C GLU A 41 -12.27 14.84 -4.49
N ALA A 42 -11.48 13.77 -4.47
CA ALA A 42 -11.96 12.44 -4.88
C ALA A 42 -13.26 12.14 -4.11
N TYR A 43 -13.28 12.42 -2.81
CA TYR A 43 -14.41 12.13 -1.91
C TYR A 43 -15.68 12.91 -2.31
N LYS A 44 -15.54 14.17 -2.67
CA LYS A 44 -16.71 15.00 -3.01
C LYS A 44 -17.24 14.65 -4.38
N LYS A 45 -16.40 14.08 -5.24
CA LYS A 45 -16.74 13.81 -6.65
C LYS A 45 -17.36 12.44 -6.88
N GLU A 46 -17.19 11.47 -6.01
CA GLU A 46 -17.73 10.14 -6.35
C GLU A 46 -19.04 9.87 -5.63
N SER A 47 -19.70 8.86 -6.16
CA SER A 47 -21.13 8.54 -5.96
C SER A 47 -21.26 7.18 -5.26
N SER A 48 -20.26 6.31 -5.37
CA SER A 48 -20.28 4.95 -4.76
C SER A 48 -20.22 5.13 -3.25
N GLU A 49 -21.17 4.57 -2.51
CA GLU A 49 -21.26 4.74 -1.03
C GLU A 49 -20.05 4.02 -0.37
N ILE A 50 -19.74 2.81 -0.86
CA ILE A 50 -18.54 2.01 -0.49
C ILE A 50 -17.26 2.84 -0.63
N SER A 51 -17.05 3.53 -1.75
CA SER A 51 -15.77 4.24 -2.02
C SER A 51 -15.69 5.53 -1.20
N LYS A 52 -16.82 6.20 -0.96
CA LYS A 52 -16.93 7.42 -0.10
C LYS A 52 -16.53 7.05 1.34
N ASN A 53 -17.03 5.93 1.83
CA ASN A 53 -16.67 5.44 3.18
C ASN A 53 -15.16 5.15 3.24
N THR A 54 -14.64 4.41 2.25
CA THR A 54 -13.19 4.04 2.16
C THR A 54 -12.37 5.32 2.20
N LEU A 55 -12.77 6.37 1.48
CA LEU A 55 -12.01 7.64 1.37
C LEU A 55 -12.00 8.46 2.66
N LYS A 56 -13.09 8.47 3.43
CA LYS A 56 -13.11 9.24 4.70
C LYS A 56 -12.22 8.54 5.72
N ALA A 57 -12.16 7.22 5.65
CA ALA A 57 -11.33 6.39 6.53
C ALA A 57 -9.89 6.75 6.23
N ILE A 58 -9.56 6.83 4.95
CA ILE A 58 -8.17 7.21 4.55
C ILE A 58 -7.83 8.63 5.04
N ILE A 59 -8.72 9.59 4.80
CA ILE A 59 -8.53 11.00 5.26
C ILE A 59 -8.44 11.02 6.80
N GLU A 60 -9.17 10.17 7.49
CA GLU A 60 -9.13 10.11 8.98
C GLU A 60 -7.78 9.52 9.43
N ASN A 61 -7.36 8.40 8.80
CA ASN A 61 -6.01 7.77 8.92
C ASN A 61 -4.93 8.83 8.95
N ASN A 62 -4.93 9.72 7.98
CA ASN A 62 -3.84 10.72 7.78
C ASN A 62 -3.82 11.76 8.92
N LYS A 63 -4.98 12.23 9.41
CA LYS A 63 -5.05 13.13 10.59
C LYS A 63 -4.44 12.42 11.81
N ILE A 64 -4.87 11.18 12.07
CA ILE A 64 -4.44 10.38 13.25
C ILE A 64 -2.93 10.09 13.15
N ALA A 65 -2.42 9.65 11.99
CA ALA A 65 -0.97 9.43 11.83
C ALA A 65 -0.18 10.65 12.33
N GLU A 66 -0.54 11.86 11.87
CA GLU A 66 0.16 13.15 12.20
C GLU A 66 0.01 13.49 13.70
N GLU A 67 -1.21 13.42 14.28
CA GLU A 67 -1.49 13.69 15.72
C GLU A 67 -0.64 12.77 16.61
N THR A 68 -0.64 11.44 16.34
CA THR A 68 0.04 10.41 17.19
C THR A 68 1.45 10.08 16.69
N GLN A 69 1.94 10.74 15.63
CA GLN A 69 3.33 10.62 15.12
C GLN A 69 3.71 9.16 14.75
N VAL A 70 2.82 8.41 14.12
CA VAL A 70 3.13 7.02 13.63
C VAL A 70 3.04 7.02 12.12
N PRO A 71 3.75 6.09 11.44
CA PRO A 71 3.72 6.06 9.97
C PRO A 71 2.28 5.95 9.46
N LEU A 72 1.94 6.63 8.37
CA LEU A 72 0.52 6.64 7.91
C LEU A 72 0.17 5.26 7.33
N CYS A 73 1.18 4.56 6.85
CA CYS A 73 1.12 3.26 6.14
C CYS A 73 2.17 2.35 6.79
N GLN A 74 1.77 1.15 7.19
CA GLN A 74 2.68 0.18 7.86
C GLN A 74 3.82 -0.29 6.92
N ASP A 75 3.56 -0.49 5.63
CA ASP A 75 4.61 -0.85 4.63
C ASP A 75 5.31 0.44 4.22
N THR A 76 6.35 0.80 4.95
CA THR A 76 7.14 2.05 4.76
C THR A 76 8.04 1.91 3.53
N GLY A 77 8.21 0.72 2.98
CA GLY A 77 8.71 0.54 1.61
C GLY A 77 10.18 0.18 1.55
N VAL A 78 10.70 0.16 0.34
CA VAL A 78 12.15 0.13 0.00
C VAL A 78 12.62 1.59 -0.02
N PRO A 79 13.77 1.92 0.60
CA PRO A 79 14.30 3.29 0.59
C PRO A 79 14.97 3.70 -0.74
N ILE A 80 14.27 4.54 -1.51
CA ILE A 80 14.81 5.17 -2.76
C ILE A 80 15.20 6.63 -2.46
N VAL A 81 16.35 7.05 -2.97
CA VAL A 81 16.86 8.41 -2.67
C VAL A 81 17.27 9.12 -3.97
N PHE A 82 16.68 10.27 -4.26
CA PHE A 82 17.08 11.13 -5.41
C PHE A 82 17.93 12.31 -4.93
N LEU A 83 19.18 12.33 -5.38
CA LEU A 83 20.21 13.28 -4.95
C LEU A 83 20.57 14.22 -6.12
N LYS A 84 20.28 15.53 -6.02
CA LYS A 84 20.75 16.58 -6.98
C LYS A 84 22.03 17.26 -6.44
N ILE A 85 23.09 17.35 -7.25
CA ILE A 85 24.41 17.88 -6.81
C ILE A 85 24.78 19.19 -7.54
N GLY A 86 25.08 20.23 -6.76
CA GLY A 86 25.39 21.58 -7.25
C GLY A 86 26.86 21.74 -7.62
N LYS A 87 27.23 22.94 -8.07
CA LYS A 87 28.61 23.32 -8.48
C LYS A 87 29.56 23.28 -7.28
N ASN A 88 30.84 23.06 -7.57
CA ASN A 88 31.97 23.32 -6.63
C ASN A 88 31.80 22.44 -5.40
N ILE A 89 31.52 21.14 -5.63
CA ILE A 89 31.57 20.06 -4.61
C ILE A 89 32.58 18.98 -5.03
N ASN A 90 33.51 18.62 -4.16
CA ASN A 90 34.55 17.60 -4.49
C ASN A 90 33.87 16.23 -4.55
N SER A 91 34.31 15.37 -5.48
CA SER A 91 33.79 13.99 -5.69
C SER A 91 34.03 13.17 -4.42
N SER A 92 35.14 13.46 -3.76
CA SER A 92 35.48 12.85 -2.46
C SER A 92 34.40 13.25 -1.42
N GLU A 93 33.87 14.48 -1.45
CA GLU A 93 32.77 14.88 -0.53
C GLU A 93 31.45 14.19 -0.99
N ILE A 94 31.26 13.96 -2.28
CA ILE A 94 30.02 13.28 -2.73
C ILE A 94 30.04 11.83 -2.20
N LYS A 96 31.32 10.87 0.58
CA LYS A 96 31.05 10.90 2.03
C LYS A 96 29.55 11.17 2.17
N ILE A 97 28.96 11.96 1.29
CA ILE A 97 27.49 12.22 1.30
C ILE A 97 26.74 10.89 1.06
N ILE A 98 27.22 10.01 0.20
CA ILE A 98 26.54 8.73 -0.13
C ILE A 98 26.58 7.78 1.08
N GLU A 99 27.70 7.76 1.82
CA GLU A 99 27.86 6.98 3.07
C GLU A 99 26.91 7.52 4.14
N GLU A 100 26.76 8.83 4.25
CA GLU A 100 25.95 9.44 5.32
C GLU A 100 24.48 9.12 5.04
N ILE A 101 24.14 8.96 3.76
CA ILE A 101 22.75 8.64 3.32
C ILE A 101 22.44 7.20 3.71
N LYS A 102 23.36 6.27 3.47
CA LYS A 102 23.24 4.88 3.96
C LYS A 102 23.05 4.89 5.50
N GLU A 103 23.99 5.48 6.24
CA GLU A 103 23.97 5.54 7.73
C GLU A 103 22.61 6.08 8.20
N GLY A 104 22.10 7.13 7.56
CA GLY A 104 20.82 7.76 7.96
C GLY A 104 19.63 6.86 7.68
N VAL A 105 19.77 5.91 6.74
CA VAL A 105 18.70 4.90 6.49
C VAL A 105 18.76 3.83 7.59
N LYS A 106 19.96 3.36 7.92
CA LYS A 106 20.21 2.52 9.12
C LYS A 106 19.60 3.17 10.37
N LYS A 107 19.81 4.45 10.57
CA LYS A 107 19.32 5.14 11.78
C LYS A 107 17.79 5.33 11.70
N ALA A 108 17.23 5.64 10.51
CA ALA A 108 15.76 5.81 10.28
C ALA A 108 14.97 4.51 10.55
N THR A 109 15.48 3.38 10.10
CA THR A 109 14.91 2.05 10.41
C THR A 109 14.66 1.99 11.93
N GLU A 110 15.69 2.35 12.72
CA GLU A 110 15.66 2.37 14.21
C GLU A 110 14.70 3.46 14.74
N GLU A 111 14.87 4.74 14.43
CA GLU A 111 14.16 5.80 15.22
C GLU A 111 12.86 6.33 14.60
N VAL A 112 12.53 6.06 13.33
CA VAL A 112 11.23 6.54 12.77
C VAL A 112 10.03 5.87 13.47
N PRO A 113 9.87 4.53 13.53
CA PRO A 113 10.73 3.54 12.87
C PRO A 113 10.22 3.10 11.50
N LEU A 114 11.12 2.56 10.67
CA LEU A 114 10.75 1.91 9.37
C LEU A 114 10.79 0.40 9.60
N ARG A 115 10.00 -0.33 8.83
CA ARG A 115 10.05 -1.81 8.83
C ARG A 115 11.30 -2.25 8.09
N PRO A 116 12.03 -3.28 8.54
CA PRO A 116 13.18 -3.81 7.79
C PRO A 116 12.70 -4.70 6.65
N ASN A 117 12.63 -4.18 5.43
CA ASN A 117 12.02 -4.88 4.27
C ASN A 117 13.01 -5.31 3.20
N VAL A 118 14.27 -4.95 3.31
CA VAL A 118 15.21 -5.27 2.21
C VAL A 118 15.88 -6.62 2.43
N VAL A 119 15.69 -7.52 1.49
CA VAL A 119 16.27 -8.88 1.63
C VAL A 119 17.11 -9.24 0.41
N HIS A 120 17.83 -10.32 0.54
CA HIS A 120 18.60 -10.89 -0.57
C HIS A 120 17.57 -11.55 -1.48
N PRO A 121 17.54 -11.28 -2.78
CA PRO A 121 16.51 -11.84 -3.64
C PRO A 121 16.46 -13.37 -3.74
N LEU A 122 17.58 -14.05 -3.54
CA LEU A 122 17.54 -15.51 -3.69
C LEU A 122 17.50 -16.21 -2.33
N THR A 123 18.16 -15.64 -1.35
CA THR A 123 18.25 -16.26 -0.01
C THR A 123 17.06 -15.85 0.86
N ARG A 124 16.56 -14.62 0.67
CA ARG A 124 15.44 -13.97 1.41
C ARG A 124 15.88 -13.53 2.80
N GLU A 125 17.17 -13.54 3.06
CA GLU A 125 17.79 -13.14 4.34
C GLU A 125 17.59 -11.64 4.50
N ASN A 126 16.94 -11.24 5.57
CA ASN A 126 16.67 -9.81 5.85
C ASN A 126 17.96 -9.16 6.34
N PHE A 127 18.26 -7.97 5.81
CA PHE A 127 19.47 -7.19 6.17
C PHE A 127 19.34 -6.55 7.56
N LYS A 128 18.11 -6.41 8.03
CA LYS A 128 17.69 -5.85 9.34
C LYS A 128 17.90 -4.34 9.48
N THR A 129 18.39 -3.63 8.47
CA THR A 129 18.58 -2.18 8.47
C THR A 129 18.15 -1.52 7.17
N ASN A 130 17.61 -2.27 6.23
CA ASN A 130 17.29 -1.82 4.85
C ASN A 130 18.55 -1.35 4.09
N VAL A 131 19.73 -1.74 4.53
CA VAL A 131 20.96 -1.38 3.84
C VAL A 131 21.77 -2.62 3.44
N GLY A 132 21.95 -2.80 2.16
CA GLY A 132 22.71 -3.93 1.67
C GLY A 132 22.44 -4.21 0.22
N LEU A 133 23.42 -4.76 -0.46
CA LEU A 133 23.29 -5.11 -1.86
C LEU A 133 22.69 -3.99 -2.73
N ASN A 134 23.26 -2.73 -2.47
CA ASN A 134 22.86 -1.53 -3.26
C ASN A 134 21.40 -1.28 -2.89
N SER A 135 21.08 -1.31 -1.59
CA SER A 135 19.67 -1.16 -1.18
C SER A 135 19.21 0.29 -1.22
N PRO A 136 19.93 1.19 -0.53
CA PRO A 136 19.50 2.59 -0.69
C PRO A 136 19.67 2.97 -2.14
N PHE A 137 18.64 2.81 -2.92
CA PHE A 137 18.82 3.10 -4.32
C PHE A 137 18.98 4.60 -4.39
N ILE A 138 20.14 5.02 -4.81
CA ILE A 138 20.48 6.47 -4.81
C ILE A 138 20.57 6.89 -6.27
N ASN A 139 19.65 7.73 -6.75
CA ASN A 139 19.73 8.33 -8.10
C ASN A 139 20.50 9.65 -8.02
N ILE A 140 21.46 9.83 -8.90
CA ILE A 140 22.36 11.00 -8.93
C ILE A 140 22.09 11.83 -10.18
N GLU A 141 21.93 13.15 -10.01
CA GLU A 141 21.87 14.18 -11.08
C GLU A 141 22.77 15.36 -10.68
N PHE A 142 23.24 16.11 -11.66
CA PHE A 142 24.04 17.37 -11.50
C PHE A 142 23.19 18.56 -11.93
N ASP A 143 23.22 19.63 -11.14
CA ASP A 143 22.42 20.87 -11.35
C ASP A 143 23.34 22.10 -11.28
N GLU A 144 23.56 22.76 -12.41
CA GLU A 144 24.50 23.90 -12.43
C GLU A 144 23.85 25.09 -11.70
N SER A 145 22.55 25.07 -11.38
CA SER A 145 21.83 26.21 -10.76
C SER A 145 21.94 26.15 -9.24
N LEU A 146 22.55 25.11 -8.67
CA LEU A 146 22.88 24.99 -7.23
C LEU A 146 24.37 25.19 -7.05
N ASP A 147 24.78 25.77 -5.93
CA ASP A 147 26.17 26.19 -5.66
C ASP A 147 26.52 25.75 -4.23
N ARG A 148 27.31 24.68 -4.10
CA ARG A 148 27.54 23.95 -2.82
C ARG A 148 26.21 23.71 -2.10
N GLU A 149 25.23 23.17 -2.82
CA GLU A 149 23.89 22.85 -2.24
C GLU A 149 23.35 21.56 -2.89
N ILE A 150 22.91 20.59 -2.09
CA ILE A 150 22.37 19.32 -2.62
C ILE A 150 20.86 19.34 -2.36
N GLU A 151 20.10 18.59 -3.17
CA GLU A 151 18.66 18.40 -2.96
C GLU A 151 18.45 16.90 -2.75
N ILE A 152 17.77 16.54 -1.65
CA ILE A 152 17.50 15.13 -1.29
C ILE A 152 15.99 14.96 -1.31
N ILE A 153 15.53 14.06 -2.16
CA ILE A 153 14.16 13.48 -2.15
C ILE A 153 14.25 12.05 -1.60
N ALA A 154 13.49 11.79 -0.55
CA ALA A 154 13.25 10.45 0.02
C ALA A 154 11.96 9.90 -0.61
N PHE A 155 12.03 8.74 -1.25
CA PHE A 155 10.87 8.15 -1.94
C PHE A 155 10.68 6.71 -1.48
N PRO A 156 9.92 6.52 -0.39
CA PRO A 156 9.69 5.18 0.16
C PRO A 156 8.59 4.50 -0.69
N LYS A 157 8.97 3.45 -1.41
CA LYS A 157 8.09 2.75 -2.36
C LYS A 157 7.57 1.45 -1.73
N GLY A 158 6.25 1.25 -1.67
CA GLY A 158 5.66 -0.04 -1.24
C GLY A 158 5.69 -1.14 -2.30
N ALA A 159 5.69 -2.40 -1.82
CA ALA A 159 5.62 -3.68 -2.56
C ALA A 159 4.32 -3.82 -3.37
N GLY A 160 3.16 -3.58 -2.72
CA GLY A 160 1.83 -3.69 -3.36
C GLY A 160 1.80 -2.94 -4.68
N SER A 161 2.31 -1.70 -4.71
CA SER A 161 2.27 -0.86 -5.94
C SER A 161 3.41 -1.28 -6.88
N GLU A 162 4.62 -1.54 -6.38
CA GLU A 162 5.76 -1.88 -7.27
C GLU A 162 5.51 -3.21 -8.00
N ASN A 163 4.75 -4.12 -7.40
CA ASN A 163 4.46 -5.48 -7.94
C ASN A 163 3.49 -5.40 -9.11
N SER A 165 4.25 -3.05 -11.59
CA SER A 165 5.08 -2.39 -12.65
C SER A 165 5.03 -3.24 -13.94
N ALA A 166 5.08 -2.61 -15.11
CA ALA A 166 5.02 -3.29 -16.41
C ALA A 166 5.94 -2.59 -17.44
N LEU A 167 6.51 -3.39 -18.33
CA LEU A 167 7.26 -2.84 -19.48
C LEU A 167 6.68 -3.42 -20.77
N LYS A 168 6.72 -2.66 -21.84
CA LYS A 168 6.36 -3.18 -23.17
C LYS A 168 7.12 -2.42 -24.26
N LEU A 170 6.66 -1.66 -27.67
CA LEU A 170 5.67 -1.54 -28.77
C LEU A 170 6.41 -1.50 -30.11
N LYS A 171 5.71 -1.74 -31.22
CA LYS A 171 6.13 -1.36 -32.61
C LYS A 171 5.90 0.14 -32.74
N PRO A 172 6.80 0.95 -33.35
CA PRO A 172 6.53 2.38 -33.50
C PRO A 172 5.18 2.64 -34.21
N SER A 173 4.84 1.86 -35.24
CA SER A 173 3.55 2.01 -35.97
C SER A 173 2.33 1.78 -35.06
N ASP A 174 2.50 1.24 -33.84
CA ASP A 174 1.43 1.18 -32.80
C ASP A 174 1.11 2.61 -32.32
N GLY A 175 2.10 3.51 -32.29
CA GLY A 175 1.93 4.92 -31.89
C GLY A 175 1.44 5.36 -30.52
N ILE A 176 0.50 6.31 -30.49
CA ILE A 176 -0.27 6.71 -29.27
C ILE A 176 -1.45 5.74 -28.96
N GLU A 177 -2.08 5.11 -29.94
CA GLU A 177 -3.20 4.21 -29.60
C GLU A 177 -2.74 2.99 -28.79
N GLY A 178 -1.64 2.36 -29.17
CA GLY A 178 -1.07 1.18 -28.49
C GLY A 178 -0.53 1.50 -27.09
N ILE A 179 -0.03 2.73 -26.91
CA ILE A 179 0.38 3.27 -25.59
C ILE A 179 -0.84 3.28 -24.68
N LYS A 180 -1.86 4.09 -25.01
CA LYS A 180 -3.16 4.16 -24.28
C LYS A 180 -3.68 2.76 -23.95
N ASN A 181 -3.63 1.84 -24.91
CA ASN A 181 -4.16 0.47 -24.73
C ASN A 181 -3.32 -0.27 -23.68
N PHE A 182 -1.99 -0.09 -23.67
CA PHE A 182 -1.09 -0.82 -22.73
C PHE A 182 -1.29 -0.29 -21.31
N VAL A 183 -1.36 1.03 -21.16
CA VAL A 183 -1.71 1.71 -19.88
C VAL A 183 -3.05 1.14 -19.34
N LEU A 184 -4.10 1.11 -20.14
CA LEU A 184 -5.45 0.68 -19.68
C LEU A 184 -5.46 -0.81 -19.30
N GLU A 185 -4.86 -1.67 -20.11
CA GLU A 185 -4.71 -3.11 -19.83
C GLU A 185 -4.05 -3.34 -18.47
N THR A 186 -2.96 -2.63 -18.22
CA THR A 186 -2.11 -2.78 -17.01
C THR A 186 -2.91 -2.31 -15.79
N ILE A 187 -3.53 -1.12 -15.81
CA ILE A 187 -4.41 -0.61 -14.70
C ILE A 187 -5.54 -1.61 -14.43
N ALA A 188 -6.15 -2.14 -15.49
CA ALA A 188 -7.30 -3.05 -15.39
C ALA A 188 -6.85 -4.35 -14.73
N ASN A 189 -5.77 -4.93 -15.24
CA ASN A 189 -5.19 -6.19 -14.69
C ASN A 189 -4.90 -6.01 -13.20
N ALA A 190 -4.30 -4.90 -12.78
CA ALA A 190 -3.92 -4.63 -11.37
C ALA A 190 -5.18 -4.56 -10.49
N GLY A 191 -6.24 -3.87 -10.94
CA GLY A 191 -7.51 -3.73 -10.20
C GLY A 191 -7.26 -3.13 -8.83
N GLY A 192 -7.59 -3.84 -7.75
CA GLY A 192 -7.64 -3.36 -6.36
C GLY A 192 -6.36 -3.59 -5.56
N LYS A 193 -5.34 -4.20 -6.18
CA LYS A 193 -4.12 -4.73 -5.50
C LYS A 193 -3.06 -3.67 -5.19
N PRO A 194 -2.87 -2.59 -6.00
CA PRO A 194 -2.00 -1.48 -5.58
C PRO A 194 -2.84 -0.42 -4.86
N CYS A 195 -3.89 -0.84 -4.14
CA CYS A 195 -4.74 0.01 -3.28
C CYS A 195 -5.20 1.35 -3.82
N PRO A 196 -6.02 1.43 -4.90
CA PRO A 196 -6.48 2.72 -5.39
C PRO A 196 -7.19 3.54 -4.31
N PRO A 197 -7.45 4.84 -4.61
CA PRO A 197 -7.15 5.52 -5.88
C PRO A 197 -5.66 5.53 -6.13
N ILE A 198 -5.25 5.67 -7.39
CA ILE A 198 -3.82 5.55 -7.66
C ILE A 198 -3.20 6.65 -8.51
N VAL A 199 -1.88 6.72 -8.47
CA VAL A 199 -1.13 7.70 -9.28
C VAL A 199 -0.30 6.90 -10.29
N VAL A 200 -0.42 7.24 -11.56
CA VAL A 200 0.23 6.45 -12.64
C VAL A 200 1.38 7.27 -13.19
N GLY A 201 2.57 6.66 -13.20
CA GLY A 201 3.79 7.21 -13.82
C GLY A 201 4.10 6.44 -15.09
N ILE A 202 4.17 7.15 -16.22
CA ILE A 202 4.37 6.53 -17.55
C ILE A 202 5.69 7.08 -18.09
N GLY A 203 6.61 6.18 -18.46
CA GLY A 203 7.88 6.52 -19.11
C GLY A 203 7.84 6.07 -20.54
N ILE A 204 8.14 6.96 -21.49
CA ILE A 204 8.11 6.63 -22.93
C ILE A 204 9.47 7.03 -23.53
N GLY A 205 10.18 6.07 -24.14
CA GLY A 205 11.45 6.29 -24.83
C GLY A 205 12.61 5.77 -24.02
N GLY A 206 13.82 6.24 -24.31
CA GLY A 206 15.07 5.61 -23.87
C GLY A 206 15.16 4.17 -24.35
N THR A 207 15.89 3.39 -23.58
CA THR A 207 15.93 1.91 -23.51
C THR A 207 14.92 1.45 -22.44
N ALA A 208 14.86 0.15 -22.17
CA ALA A 208 13.86 -0.43 -21.26
C ALA A 208 14.10 0.07 -19.82
N ASP A 209 15.34 0.03 -19.40
CA ASP A 209 15.67 0.56 -18.12
C ASP A 209 15.42 2.06 -17.98
N VAL A 210 15.69 2.84 -19.02
CA VAL A 210 15.38 4.29 -18.94
C VAL A 210 13.85 4.50 -18.86
N ALA A 211 13.05 3.87 -19.72
CA ALA A 211 11.57 3.94 -19.69
C ALA A 211 11.02 3.65 -18.28
N LEU A 212 11.54 2.66 -17.57
CA LEU A 212 11.06 2.42 -16.18
C LEU A 212 11.63 3.48 -15.21
N LYS A 213 12.85 3.93 -15.42
CA LYS A 213 13.41 5.02 -14.60
C LYS A 213 12.51 6.28 -14.72
N LEU A 214 12.10 6.59 -15.95
CA LEU A 214 11.26 7.75 -16.25
C LEU A 214 9.90 7.63 -15.56
N ALA A 215 9.29 6.44 -15.66
CA ALA A 215 7.98 6.12 -15.05
C ALA A 215 8.03 6.36 -13.55
N LYS A 216 9.12 6.00 -12.90
CA LYS A 216 9.26 6.29 -11.48
C LYS A 216 9.45 7.80 -11.29
N LYS A 217 10.40 8.39 -12.03
CA LYS A 217 10.64 9.86 -11.88
C LYS A 217 9.34 10.64 -12.05
N ALA A 218 8.45 10.19 -12.94
CA ALA A 218 7.17 10.86 -13.22
C ALA A 218 6.36 10.95 -11.92
N LEU A 219 6.56 10.01 -10.98
CA LEU A 219 5.81 9.93 -9.70
C LEU A 219 6.35 10.94 -8.69
N LEU A 220 7.46 11.64 -8.92
CA LEU A 220 7.93 12.71 -7.99
C LEU A 220 7.06 13.97 -8.10
N ARG A 221 6.31 14.13 -9.18
CA ARG A 221 5.49 15.32 -9.41
C ARG A 221 4.34 15.57 -8.43
N LYS A 222 3.87 16.82 -8.36
CA LYS A 222 2.69 17.14 -7.50
C LYS A 222 1.40 16.92 -8.30
N ILE A 223 0.32 16.51 -7.64
CA ILE A 223 -0.99 16.28 -8.31
C ILE A 223 -1.38 17.60 -8.99
N GLY A 224 -1.89 17.49 -10.24
CA GLY A 224 -2.31 18.64 -11.06
C GLY A 224 -1.14 19.25 -11.82
N GLU A 225 0.07 18.77 -11.61
CA GLU A 225 1.28 19.29 -12.29
C GLU A 225 1.39 18.63 -13.67
N ARG A 226 0.97 19.38 -14.68
CA ARG A 226 1.00 18.84 -16.02
C ARG A 226 2.33 18.97 -16.70
N HIS A 227 2.55 18.14 -17.69
CA HIS A 227 3.79 18.12 -18.49
C HIS A 227 3.88 19.51 -19.14
N ARG A 228 5.08 20.10 -19.16
CA ARG A 228 5.34 21.50 -19.58
C ARG A 228 5.18 21.61 -21.11
N ASP A 229 5.22 20.48 -21.83
CA ASP A 229 4.74 20.32 -23.23
C ASP A 229 3.23 20.10 -23.26
N LYS A 230 2.48 21.15 -23.59
CA LYS A 230 1.01 21.21 -23.69
C LYS A 230 0.38 20.02 -24.42
N GLU A 231 1.05 19.48 -25.42
CA GLU A 231 0.57 18.34 -26.25
C GLU A 231 0.52 17.05 -25.41
N ILE A 232 1.51 16.86 -24.52
CA ILE A 232 1.64 15.66 -23.64
C ILE A 232 0.73 15.88 -22.42
N ALA A 233 0.70 17.11 -21.89
CA ALA A 233 -0.34 17.56 -20.92
C ALA A 233 -1.73 17.10 -21.40
N ASN A 234 -2.05 17.26 -22.68
CA ASN A 234 -3.36 16.78 -23.22
C ASN A 234 -3.48 15.25 -23.17
N LEU A 235 -2.41 14.50 -23.43
CA LEU A 235 -2.46 13.01 -23.36
C LEU A 235 -2.65 12.60 -21.89
N GLU A 236 -2.02 13.31 -20.96
CA GLU A 236 -2.17 13.04 -19.49
C GLU A 236 -3.64 13.11 -19.11
N LYS A 237 -4.41 14.06 -19.65
CA LYS A 237 -5.84 14.25 -19.23
C LYS A 237 -6.74 13.30 -19.98
N GLU A 238 -6.48 12.99 -21.27
CA GLU A 238 -7.23 11.91 -21.96
C GLU A 238 -7.10 10.61 -21.13
N LEU A 239 -5.88 10.24 -20.71
CA LEU A 239 -5.62 8.96 -19.96
C LEU A 239 -6.27 8.96 -18.57
N LEU A 240 -6.25 10.08 -17.85
CA LEU A 240 -6.95 10.16 -16.53
C LEU A 240 -8.45 9.90 -16.72
N GLU A 241 -9.04 10.43 -17.80
CA GLU A 241 -10.51 10.36 -18.05
C GLU A 241 -10.87 8.91 -18.38
N LYS A 242 -10.06 8.23 -19.19
CA LYS A 242 -10.34 6.86 -19.58
C LYS A 242 -10.09 5.88 -18.46
N ILE A 243 -9.11 6.21 -17.65
CA ILE A 243 -8.81 5.32 -16.49
C ILE A 243 -9.98 5.44 -15.52
N ASN A 244 -10.46 6.65 -15.26
CA ASN A 244 -11.60 6.84 -14.32
C ASN A 244 -12.88 6.13 -14.86
N SER A 245 -13.04 5.91 -16.18
CA SER A 245 -14.15 5.12 -16.78
C SER A 245 -14.14 3.63 -16.39
N LEU A 246 -13.04 3.11 -15.85
CA LEU A 246 -12.91 1.64 -15.68
C LEU A 246 -13.86 1.16 -14.58
N GLY A 247 -14.14 2.01 -13.59
CA GLY A 247 -15.01 1.67 -12.46
C GLY A 247 -14.29 0.88 -11.37
N ILE A 248 -12.95 0.95 -11.26
CA ILE A 248 -12.22 0.15 -10.22
C ILE A 248 -12.50 0.77 -8.85
N GLY A 249 -12.42 2.09 -8.71
CA GLY A 249 -12.74 2.78 -7.43
C GLY A 249 -11.77 2.42 -6.29
N ALA A 250 -12.00 3.00 -5.11
CA ALA A 250 -11.18 2.80 -3.90
C ALA A 250 -11.13 1.30 -3.57
N GLY A 252 -10.44 -1.27 -5.29
CA GLY A 252 -11.02 -2.21 -6.27
C GLY A 252 -12.38 -2.72 -5.81
N LEU A 253 -13.13 -1.92 -5.04
CA LEU A 253 -14.45 -2.34 -4.51
C LEU A 253 -15.56 -1.76 -5.41
N GLY A 254 -15.20 -1.00 -6.45
CA GLY A 254 -16.14 -0.33 -7.36
C GLY A 254 -16.28 1.13 -7.02
N GLY A 255 -16.14 2.01 -8.00
CA GLY A 255 -16.28 3.45 -7.79
C GLY A 255 -15.92 4.22 -9.03
N ASP A 256 -16.10 5.54 -8.97
CA ASP A 256 -15.94 6.47 -10.12
C ASP A 256 -14.48 6.91 -10.20
N ILE A 257 -13.80 7.01 -9.05
CA ILE A 257 -12.41 7.51 -9.03
C ILE A 257 -11.51 6.31 -8.79
N THR A 258 -10.79 5.94 -9.85
CA THR A 258 -9.70 4.93 -9.87
C THR A 258 -8.33 5.63 -9.73
N ALA A 259 -8.12 6.82 -10.28
CA ALA A 259 -6.79 7.49 -10.25
C ALA A 259 -6.92 8.96 -9.91
N LEU A 260 -5.97 9.49 -9.15
CA LEU A 260 -5.90 10.91 -8.77
C LEU A 260 -5.17 11.69 -9.87
N ASP A 261 -4.22 11.08 -10.61
CA ASP A 261 -3.52 11.77 -11.72
C ASP A 261 -2.67 10.80 -12.56
N VAL A 262 -2.18 11.27 -13.70
CA VAL A 262 -1.36 10.54 -14.70
C VAL A 262 -0.16 11.43 -15.04
N PHE A 263 1.05 10.94 -14.84
CA PHE A 263 2.31 11.67 -15.14
C PHE A 263 3.06 10.90 -16.22
N ILE A 264 3.45 11.61 -17.29
CA ILE A 264 4.25 11.08 -18.43
C ILE A 264 5.62 11.73 -18.36
N GLU A 265 6.68 11.00 -18.62
CA GLU A 265 8.02 11.62 -18.87
C GLU A 265 8.60 10.91 -20.09
N ILE A 266 9.37 11.63 -20.91
CA ILE A 266 9.82 11.09 -22.21
C ILE A 266 11.34 11.16 -22.31
N ALA A 267 11.91 10.33 -23.19
CA ALA A 267 13.30 10.48 -23.66
C ALA A 267 13.48 9.99 -25.09
N GLY A 268 14.58 10.42 -25.71
CA GLY A 268 15.00 9.99 -27.06
C GLY A 268 14.95 8.47 -27.15
N CYS A 269 14.43 7.94 -28.24
CA CYS A 269 14.44 6.48 -28.43
C CYS A 269 14.93 6.13 -29.83
N HIS A 270 15.30 4.86 -29.99
CA HIS A 270 15.82 4.33 -31.28
C HIS A 270 14.63 4.43 -32.23
N THR A 271 14.91 4.83 -33.46
CA THR A 271 13.95 5.06 -34.53
C THR A 271 13.08 3.81 -34.72
N ALA A 272 13.64 2.61 -34.56
CA ALA A 272 12.93 1.33 -34.68
C ALA A 272 12.29 0.87 -33.36
N SER A 273 12.18 1.71 -32.32
CA SER A 273 11.67 1.25 -31.00
C SER A 273 10.64 2.22 -30.42
N LEU A 274 9.94 1.76 -29.40
CA LEU A 274 9.07 2.61 -28.55
C LEU A 274 8.84 1.83 -27.26
N PRO A 275 9.78 1.99 -26.32
CA PRO A 275 9.64 1.39 -25.00
C PRO A 275 8.69 2.21 -24.14
N VAL A 276 7.85 1.53 -23.35
CA VAL A 276 6.87 2.19 -22.45
C VAL A 276 6.97 1.46 -21.11
N GLY A 277 7.17 2.23 -20.03
CA GLY A 277 7.24 1.73 -18.65
C GLY A 277 6.09 2.27 -17.82
N ILE A 278 5.59 1.46 -16.90
CA ILE A 278 4.52 1.92 -15.98
C ILE A 278 4.95 1.64 -14.54
N CYS A 279 4.83 2.66 -13.72
CA CYS A 279 5.01 2.60 -12.28
C CYS A 279 3.71 3.10 -11.64
N ILE A 280 2.96 2.20 -11.03
CA ILE A 280 1.76 2.55 -10.22
C ILE A 280 2.25 2.92 -8.82
N GLN A 281 1.56 3.85 -8.21
CA GLN A 281 1.76 4.27 -6.81
C GLN A 281 0.38 4.11 -6.17
N CYS A 282 0.27 3.63 -4.93
CA CYS A 282 -1.03 3.50 -4.21
C CYS A 282 -1.41 4.89 -3.66
N TRP A 283 -2.59 5.03 -3.06
CA TRP A 283 -3.04 6.32 -2.56
C TRP A 283 -2.02 6.97 -1.65
N ALA A 284 -1.12 6.17 -1.07
CA ALA A 284 -0.14 6.71 -0.15
C ALA A 284 1.07 7.29 -0.87
N ASP A 285 0.83 8.23 -1.77
CA ASP A 285 1.95 8.89 -2.45
C ASP A 285 2.70 9.47 -1.27
N ARG A 286 3.91 8.98 -1.02
CA ARG A 286 4.74 9.54 0.07
C ARG A 286 6.07 10.08 -0.45
N ARG A 287 6.40 11.28 -0.04
CA ARG A 287 7.71 11.90 -0.36
C ARG A 287 7.97 13.07 0.56
N ALA A 288 9.20 13.48 0.57
CA ALA A 288 9.72 14.58 1.40
C ALA A 288 11.02 15.01 0.73
N ILE A 289 11.18 16.32 0.65
CA ILE A 289 12.25 17.00 -0.12
C ILE A 289 12.94 17.95 0.85
N LYS A 290 14.26 18.10 0.73
CA LYS A 290 15.03 19.05 1.56
C LYS A 290 16.26 19.51 0.77
N ARG A 291 16.53 20.75 0.76
CA ARG A 291 17.68 21.32 0.13
C ARG A 291 18.65 21.63 1.23
N ILE A 292 19.87 21.42 1.05
CA ILE A 292 20.92 21.48 2.08
C ILE A 292 22.10 22.29 1.52
N LYS A 293 22.34 23.47 2.10
CA LYS A 293 23.57 24.28 1.91
C LYS A 293 24.71 23.59 2.68
N LEU A 294 25.85 23.34 1.91
CA LEU A 294 27.02 22.72 2.52
C LEU A 294 28.00 23.71 3.14
N ASP A 295 28.74 23.28 4.15
CA ASP A 295 29.76 24.12 4.77
C ASP A 295 30.58 24.81 3.69
N ALA A 296 31.00 26.04 3.93
CA ALA A 296 31.70 26.79 2.87
C ALA A 296 33.18 26.38 2.85
N GLU B 2 -25.45 -0.51 7.31
CA GLU B 2 -24.30 -0.54 8.24
C GLU B 2 -24.76 -1.13 9.59
N TYR B 3 -23.88 -1.95 10.16
CA TYR B 3 -24.07 -2.72 11.41
C TYR B 3 -22.92 -2.38 12.37
N THR B 4 -23.13 -2.57 13.66
CA THR B 4 -22.10 -2.51 14.72
C THR B 4 -22.34 -3.71 15.63
N PHE B 5 -21.35 -4.61 15.76
CA PHE B 5 -21.41 -5.82 16.63
C PHE B 5 -20.32 -5.73 17.68
N ASN B 6 -20.55 -6.37 18.84
CA ASN B 6 -19.58 -6.57 19.94
C ASN B 6 -19.09 -8.03 19.88
N LYS B 7 -19.94 -8.90 19.34
CA LYS B 7 -19.75 -10.34 19.04
C LYS B 7 -20.49 -10.65 17.73
N LEU B 8 -20.07 -11.68 17.00
CA LEU B 8 -20.75 -12.13 15.75
C LEU B 8 -21.24 -13.57 15.91
N THR B 9 -22.54 -13.77 16.09
CA THR B 9 -23.08 -15.12 16.12
C THR B 9 -23.28 -15.54 14.69
N LYS B 10 -23.21 -16.84 14.42
CA LYS B 10 -23.47 -17.32 13.07
C LYS B 10 -24.75 -16.67 12.59
N LYS B 11 -25.76 -16.61 13.45
CA LYS B 11 -27.03 -15.91 13.07
C LYS B 11 -26.70 -14.59 12.36
N ASP B 12 -25.91 -13.72 12.99
CA ASP B 12 -25.58 -12.36 12.46
C ASP B 12 -24.70 -12.50 11.20
N VAL B 13 -23.85 -13.52 11.13
CA VAL B 13 -22.96 -13.69 9.98
C VAL B 13 -23.77 -13.80 8.71
N LYS B 14 -24.81 -14.62 8.74
CA LYS B 14 -25.67 -14.80 7.57
C LYS B 14 -26.50 -13.54 7.30
N LYS B 15 -26.32 -12.51 8.11
CA LYS B 15 -27.05 -11.27 7.91
C LYS B 15 -26.14 -10.19 7.38
N LEU B 16 -25.15 -10.59 6.59
CA LEU B 16 -24.18 -9.62 6.07
C LEU B 16 -23.99 -9.79 4.56
N LYS B 17 -24.85 -9.16 3.78
CA LYS B 17 -24.72 -9.24 2.30
C LYS B 17 -23.55 -8.38 1.82
N VAL B 18 -22.95 -8.78 0.70
CA VAL B 18 -21.83 -8.03 0.08
C VAL B 18 -22.23 -6.55 0.00
N GLY B 19 -21.34 -5.64 0.39
CA GLY B 19 -21.57 -4.18 0.32
C GLY B 19 -22.08 -3.59 1.63
N ASP B 20 -22.31 -4.40 2.66
CA ASP B 20 -22.74 -3.89 3.99
C ASP B 20 -21.52 -3.26 4.68
N ILE B 21 -21.72 -2.29 5.57
CA ILE B 21 -20.63 -1.64 6.36
C ILE B 21 -20.66 -2.23 7.77
N VAL B 22 -19.50 -2.61 8.31
CA VAL B 22 -19.42 -3.22 9.67
C VAL B 22 -18.41 -2.44 10.52
N TYR B 23 -18.74 -2.25 11.81
CA TYR B 23 -17.82 -1.73 12.85
C TYR B 23 -17.81 -2.78 13.94
N LEU B 24 -16.63 -3.03 14.52
CA LEU B 24 -16.46 -4.03 15.59
C LEU B 24 -16.06 -3.32 16.89
N ASN B 25 -16.56 -3.79 18.03
CA ASN B 25 -16.31 -3.18 19.35
C ASN B 25 -15.83 -4.23 20.36
N GLY B 26 -15.57 -5.45 19.93
CA GLY B 26 -15.23 -6.51 20.89
C GLY B 26 -13.80 -6.97 20.77
N LYS B 27 -13.63 -8.27 20.88
CA LYS B 27 -12.35 -9.01 20.83
C LYS B 27 -11.99 -9.29 19.37
N ILE B 28 -10.73 -9.12 18.96
CA ILE B 28 -10.21 -9.73 17.70
C ILE B 28 -8.85 -10.38 17.93
N TYR B 29 -8.53 -11.38 17.12
CA TYR B 29 -7.29 -12.20 17.17
C TYR B 29 -6.54 -11.95 15.87
N THR B 30 -5.24 -11.76 15.93
CA THR B 30 -4.42 -11.53 14.71
C THR B 30 -3.87 -12.89 14.30
N ALA B 31 -3.73 -13.13 13.01
CA ALA B 31 -3.03 -14.32 12.50
C ALA B 31 -2.59 -14.06 11.08
N ARG B 32 -1.29 -14.22 10.82
CA ARG B 32 -0.66 -14.30 9.47
C ARG B 32 -0.33 -15.77 9.21
N ASP B 33 0.37 -16.09 8.11
CA ASP B 33 0.59 -17.48 7.64
C ASP B 33 1.24 -18.34 8.73
N GLU B 34 2.38 -17.94 9.27
CA GLU B 34 3.12 -18.75 10.28
C GLU B 34 2.12 -19.19 11.37
N ALA B 35 1.27 -18.27 11.85
CA ALA B 35 0.29 -18.48 12.94
C ALA B 35 -0.78 -19.48 12.51
N HIS B 36 -1.35 -19.31 11.31
CA HIS B 36 -2.36 -20.22 10.73
C HIS B 36 -1.79 -21.64 10.70
N LEU B 37 -0.52 -21.80 10.31
CA LEU B 37 0.15 -23.13 10.22
C LEU B 37 0.30 -23.74 11.63
N LYS B 38 0.79 -22.98 12.57
CA LYS B 38 0.96 -23.48 13.95
C LYS B 38 -0.42 -23.82 14.52
N ILE B 39 -1.41 -22.95 14.35
CA ILE B 39 -2.76 -23.25 14.90
C ILE B 39 -3.22 -24.58 14.29
N ILE B 40 -3.10 -24.79 12.98
CA ILE B 40 -3.58 -26.05 12.35
C ILE B 40 -2.83 -27.27 12.89
N GLU B 41 -1.54 -27.17 13.08
CA GLU B 41 -0.76 -28.30 13.62
C GLU B 41 -1.33 -28.68 15.00
N LEU B 43 -4.33 -27.96 16.62
CA LEU B 43 -5.70 -28.44 16.78
C LEU B 43 -5.89 -29.83 16.14
N LYS B 44 -5.18 -30.12 15.04
CA LYS B 44 -5.25 -31.42 14.31
C LYS B 44 -4.72 -32.49 15.25
N SER B 45 -3.63 -32.15 15.87
CA SER B 45 -3.09 -32.85 17.05
C SER B 45 -3.95 -32.31 18.20
N ASN B 46 -4.04 -32.95 19.34
CA ASN B 46 -5.17 -32.45 20.18
C ASN B 46 -4.63 -31.49 21.27
N GLU B 47 -3.70 -30.60 20.90
CA GLU B 47 -3.09 -29.63 21.83
C GLU B 47 -4.13 -28.54 22.10
N LYS B 48 -4.25 -28.13 23.37
CA LYS B 48 -5.17 -27.07 23.81
C LYS B 48 -4.48 -25.72 23.52
N LEU B 49 -5.07 -24.90 22.65
CA LEU B 49 -4.74 -23.45 22.52
C LEU B 49 -5.04 -22.79 23.85
N PRO B 50 -4.22 -21.82 24.32
CA PRO B 50 -4.62 -20.98 25.45
C PRO B 50 -5.77 -20.01 25.16
N PHE B 51 -6.35 -20.01 23.94
CA PHE B 51 -7.46 -19.11 23.54
C PHE B 51 -8.50 -19.90 22.72
N ASP B 52 -9.72 -19.36 22.61
CA ASP B 52 -10.89 -20.01 21.94
C ASP B 52 -11.27 -19.21 20.69
N LEU B 53 -11.38 -19.87 19.53
CA LEU B 53 -11.62 -19.26 18.20
C LEU B 53 -13.02 -19.60 17.68
N ASN B 54 -13.71 -20.49 18.39
CA ASN B 54 -15.15 -20.79 18.18
C ASN B 54 -15.94 -19.49 18.00
N GLU B 55 -16.50 -19.30 16.81
CA GLU B 55 -17.34 -18.13 16.41
C GLU B 55 -16.57 -16.82 16.51
N SER B 56 -15.25 -16.86 16.34
CA SER B 56 -14.44 -15.67 16.50
C SER B 56 -14.12 -14.84 15.26
N ILE B 57 -13.38 -13.76 15.45
CA ILE B 57 -12.97 -12.83 14.35
C ILE B 57 -11.43 -12.81 14.26
N ILE B 58 -10.92 -13.26 13.12
CA ILE B 58 -9.47 -13.30 12.76
C ILE B 58 -9.16 -12.03 11.94
N TYR B 59 -8.07 -11.31 12.24
CA TYR B 59 -7.56 -10.16 11.44
C TYR B 59 -6.21 -10.52 10.83
N HIS B 60 -6.15 -10.54 9.49
CA HIS B 60 -4.87 -10.79 8.75
C HIS B 60 -4.01 -9.54 8.91
N ALA B 61 -3.04 -9.55 9.81
CA ALA B 61 -2.25 -8.33 10.05
C ALA B 61 -1.03 -8.54 10.94
N GLY B 62 -0.08 -7.62 10.86
CA GLY B 62 1.10 -7.70 11.71
C GLY B 62 1.22 -6.44 12.54
N PRO B 63 0.66 -6.46 13.75
CA PRO B 63 0.66 -5.24 14.58
C PRO B 63 2.02 -4.79 15.07
N ILE B 64 2.34 -3.52 14.94
CA ILE B 64 3.59 -3.00 15.48
C ILE B 64 3.30 -2.67 16.92
N LYS B 66 4.74 -1.46 20.97
CA LYS B 66 5.79 -0.89 21.80
C LYS B 66 5.45 -1.21 23.25
N LYS B 67 6.42 -1.70 24.03
CA LYS B 67 6.29 -1.90 25.49
C LYS B 67 6.38 -0.53 26.17
N VAL B 68 5.32 -0.06 26.83
CA VAL B 68 5.27 1.30 27.45
C VAL B 68 4.61 1.15 28.82
N ASN B 69 5.41 1.28 29.87
CA ASN B 69 5.01 1.26 31.30
C ASN B 69 4.54 -0.15 31.68
N ASP B 70 5.15 -1.20 31.10
CA ASP B 70 4.86 -2.63 31.41
C ASP B 70 3.46 -3.03 30.89
N SER B 71 3.02 -2.43 29.78
CA SER B 71 1.84 -2.82 28.97
C SER B 71 2.18 -2.59 27.50
N TRP B 72 1.41 -3.15 26.58
CA TRP B 72 1.69 -2.95 25.14
C TRP B 72 0.82 -1.82 24.60
N VAL B 73 1.42 -1.01 23.72
CA VAL B 73 0.79 0.11 22.96
C VAL B 73 0.93 -0.19 21.45
N CYS B 74 -0.16 -0.10 20.70
CA CYS B 74 -0.08 -0.34 19.26
C CYS B 74 0.29 0.93 18.53
N VAL B 75 1.14 0.81 17.51
CA VAL B 75 1.55 1.97 16.74
C VAL B 75 0.94 1.91 15.37
N SER B 76 0.86 0.70 14.80
CA SER B 76 0.33 0.53 13.46
C SER B 76 0.00 -0.92 13.20
N ILE B 77 -1.21 -1.17 12.74
CA ILE B 77 -1.63 -2.54 12.44
C ILE B 77 -2.48 -2.44 11.18
N GLY B 78 -1.82 -2.47 10.02
CA GLY B 78 -2.54 -2.33 8.78
C GLY B 78 -2.89 -3.76 8.40
N PRO B 79 -3.80 -3.94 7.44
CA PRO B 79 -4.12 -5.29 6.99
C PRO B 79 -3.13 -5.89 5.99
N THR B 80 -2.91 -7.20 6.12
CA THR B 80 -2.05 -8.04 5.23
C THR B 80 -2.88 -8.51 4.03
N THR B 81 -2.23 -8.76 2.89
CA THR B 81 -2.86 -9.38 1.71
C THR B 81 -3.37 -10.76 2.11
N SER B 82 -4.68 -10.94 2.02
CA SER B 82 -5.37 -12.14 2.56
C SER B 82 -5.02 -13.37 1.71
N ALA B 83 -4.79 -13.20 0.41
CA ALA B 83 -4.58 -14.30 -0.56
C ALA B 83 -3.30 -15.10 -0.23
N ARG B 84 -2.45 -14.59 0.64
CA ARG B 84 -1.35 -15.39 1.25
C ARG B 84 -1.85 -16.59 2.08
N ASN B 86 -4.50 -18.35 1.16
CA ASN B 86 -5.42 -19.02 0.26
C ASN B 86 -5.36 -20.55 0.40
N ASP B 87 -4.18 -21.10 0.63
CA ASP B 87 -3.96 -22.56 0.59
C ASP B 87 -4.15 -23.19 1.98
N VAL B 88 -4.31 -22.40 3.05
CA VAL B 88 -4.48 -22.95 4.45
C VAL B 88 -5.82 -22.52 5.03
N GLU B 89 -6.54 -21.58 4.42
CA GLU B 89 -7.74 -21.00 5.09
C GLU B 89 -8.94 -21.96 5.08
N GLU B 90 -9.00 -22.99 4.24
CA GLU B 90 -10.14 -23.95 4.28
C GLU B 90 -9.97 -24.84 5.52
N GLU B 91 -8.81 -25.50 5.59
CA GLU B 91 -8.42 -26.32 6.74
C GLU B 91 -8.64 -25.51 8.03
N PHE B 92 -8.33 -24.22 8.01
CA PHE B 92 -8.37 -23.34 9.20
C PHE B 92 -9.81 -23.15 9.69
N ILE B 93 -10.71 -22.81 8.78
CA ILE B 93 -12.17 -22.66 9.06
C ILE B 93 -12.78 -23.98 9.56
N LYS B 94 -12.28 -25.15 9.13
CA LYS B 94 -12.95 -26.46 9.42
C LYS B 94 -12.49 -26.98 10.79
N LEU B 95 -11.33 -26.53 11.26
CA LEU B 95 -10.74 -26.90 12.59
C LEU B 95 -11.21 -25.93 13.68
N THR B 96 -11.24 -24.65 13.35
CA THR B 96 -11.70 -23.53 14.22
C THR B 96 -13.06 -23.23 13.68
N ASN B 97 -14.03 -22.81 14.45
CA ASN B 97 -15.31 -22.55 13.76
C ASN B 97 -15.46 -21.03 13.77
N ILE B 98 -14.42 -20.31 13.32
CA ILE B 98 -14.41 -18.82 13.25
C ILE B 98 -15.65 -18.38 12.47
N SER B 99 -16.07 -17.14 12.74
CA SER B 99 -17.24 -16.45 12.15
C SER B 99 -16.82 -15.44 11.08
N ALA B 100 -15.63 -14.83 11.19
CA ALA B 100 -15.22 -13.73 10.30
C ALA B 100 -13.72 -13.67 10.10
N ILE B 101 -13.29 -13.38 8.88
CA ILE B 101 -11.88 -13.05 8.51
C ILE B 101 -11.83 -11.57 8.11
N VAL B 102 -10.90 -10.79 8.65
CA VAL B 102 -10.68 -9.42 8.15
C VAL B 102 -9.27 -9.32 7.54
N GLY B 103 -9.15 -8.57 6.44
CA GLY B 103 -7.90 -8.34 5.71
C GLY B 103 -8.11 -7.44 4.51
N LYS B 104 -7.21 -7.53 3.52
CA LYS B 104 -7.38 -6.77 2.27
C LYS B 104 -7.13 -7.66 1.03
N GLY B 105 -7.70 -7.23 -0.09
CA GLY B 105 -7.50 -7.85 -1.41
C GLY B 105 -8.53 -8.93 -1.72
N GLY B 106 -8.96 -9.67 -0.71
CA GLY B 106 -9.86 -10.81 -0.87
C GLY B 106 -9.09 -12.12 -0.93
N LYS B 108 -9.33 -16.41 -2.81
CA LYS B 108 -9.75 -17.10 -4.01
C LYS B 108 -11.23 -17.52 -3.92
N LYS B 109 -11.90 -17.49 -5.08
CA LYS B 109 -13.33 -17.83 -5.33
C LYS B 109 -13.73 -19.17 -4.70
N GLU B 110 -12.89 -20.20 -4.78
CA GLU B 110 -13.20 -21.57 -4.26
C GLU B 110 -13.74 -21.50 -2.81
N LEU B 111 -13.13 -20.68 -1.94
CA LEU B 111 -13.41 -20.55 -0.48
C LEU B 111 -14.83 -20.05 -0.22
N LEU B 112 -15.45 -19.44 -1.21
CA LEU B 112 -16.83 -18.93 -1.12
C LEU B 112 -17.79 -20.12 -0.89
N LYS B 113 -17.41 -21.33 -1.32
CA LYS B 113 -18.20 -22.57 -1.00
C LYS B 113 -18.07 -22.88 0.49
N THR B 114 -16.85 -22.76 1.01
CA THR B 114 -16.51 -22.99 2.44
C THR B 114 -17.24 -21.96 3.32
N PHE B 115 -17.39 -20.72 2.86
CA PHE B 115 -18.04 -19.62 3.63
C PHE B 115 -19.56 -19.80 3.66
N GLU B 116 -20.14 -20.49 2.68
CA GLU B 116 -21.60 -20.82 2.64
C GLU B 116 -21.88 -22.05 3.52
N ASP B 117 -21.03 -23.08 3.48
CA ASP B 117 -21.24 -24.36 4.23
C ASP B 117 -21.05 -24.15 5.74
N TYR B 118 -19.93 -23.57 6.14
CA TYR B 118 -19.68 -23.05 7.51
C TYR B 118 -20.17 -21.62 7.47
N GLY B 119 -20.61 -21.04 8.57
CA GLY B 119 -21.16 -19.67 8.46
C GLY B 119 -20.06 -18.63 8.61
N VAL B 120 -19.52 -18.09 7.50
CA VAL B 120 -18.31 -17.22 7.58
C VAL B 120 -18.39 -16.04 6.62
N VAL B 121 -17.88 -14.88 7.05
CA VAL B 121 -17.87 -13.64 6.24
C VAL B 121 -16.44 -13.07 6.17
N TYR B 122 -16.05 -12.55 4.99
CA TYR B 122 -14.78 -11.82 4.76
C TYR B 122 -15.10 -10.33 4.67
N LEU B 123 -14.39 -9.53 5.45
CA LEU B 123 -14.60 -8.07 5.61
C LEU B 123 -13.29 -7.42 5.19
N ALA B 124 -13.36 -6.53 4.22
CA ALA B 124 -12.23 -5.73 3.73
C ALA B 124 -12.00 -4.59 4.72
N ALA B 125 -10.76 -4.44 5.19
CA ALA B 125 -10.26 -3.29 5.99
C ALA B 125 -9.63 -2.26 5.05
N PRO B 126 -9.82 -0.96 5.35
CA PRO B 126 -9.15 0.06 4.53
C PRO B 126 -7.68 -0.32 4.42
N GLY B 127 -7.26 -0.73 3.23
CA GLY B 127 -5.83 -0.95 2.92
C GLY B 127 -5.04 0.33 3.17
N GLY B 128 -3.87 0.22 3.80
CA GLY B 128 -2.98 1.35 4.09
C GLY B 128 -3.27 2.01 5.43
N CYS B 129 -4.44 1.83 6.04
CA CYS B 129 -4.92 2.66 7.18
C CYS B 129 -4.42 2.06 8.51
N ALA B 130 -3.11 1.98 8.66
CA ALA B 130 -2.38 1.53 9.87
C ALA B 130 -2.63 2.44 11.08
N ALA B 131 -2.72 3.77 10.94
CA ALA B 131 -2.87 4.67 12.12
C ALA B 131 -4.30 4.61 12.65
N LEU B 132 -5.30 4.72 11.78
CA LEU B 132 -6.75 4.66 12.14
C LEU B 132 -7.03 3.39 12.97
N LEU B 133 -6.60 2.24 12.46
CA LEU B 133 -6.97 0.94 13.06
C LEU B 133 -6.18 0.79 14.38
N ALA B 134 -4.93 1.23 14.42
CA ALA B 134 -4.12 1.25 15.65
C ALA B 134 -4.91 2.01 16.72
N ASN B 135 -5.29 3.25 16.45
CA ASN B 135 -6.10 4.12 17.34
C ASN B 135 -7.39 3.42 17.80
N SER B 136 -7.88 2.42 17.11
CA SER B 136 -9.10 1.73 17.54
C SER B 136 -8.80 0.70 18.62
N VAL B 137 -7.54 0.26 18.69
CA VAL B 137 -7.11 -0.72 19.71
C VAL B 137 -7.14 -0.05 21.09
N LYS B 138 -8.04 -0.48 21.97
CA LYS B 138 -8.26 0.12 23.31
C LYS B 138 -7.31 -0.51 24.32
N ARG B 139 -7.08 -1.80 24.19
CA ARG B 139 -6.22 -2.56 25.11
C ARG B 139 -5.71 -3.80 24.38
N VAL B 140 -4.48 -4.18 24.69
CA VAL B 140 -3.85 -5.48 24.30
C VAL B 140 -4.00 -6.44 25.50
N ASP B 141 -4.81 -7.49 25.36
CA ASP B 141 -5.13 -8.47 26.43
C ASP B 141 -3.99 -9.50 26.61
N ASN B 142 -3.57 -10.07 25.49
CA ASN B 142 -2.57 -11.11 25.55
C ASN B 142 -1.97 -11.37 24.18
N VAL B 143 -0.80 -11.96 24.17
CA VAL B 143 -0.09 -12.31 22.91
C VAL B 143 0.37 -13.75 23.06
N TYR B 144 0.28 -14.56 22.02
CA TYR B 144 0.63 -15.99 22.08
C TYR B 144 1.76 -16.26 21.09
N PHE B 145 2.61 -17.24 21.41
CA PHE B 145 3.67 -17.78 20.53
C PHE B 145 4.67 -16.67 20.23
N LEU B 146 4.85 -15.72 21.15
CA LEU B 146 5.72 -14.55 20.88
C LEU B 146 7.15 -15.06 20.72
N ASP B 147 7.65 -15.79 21.75
CA ASP B 147 9.02 -16.22 21.66
C ASP B 147 9.21 -17.02 20.38
N GLU B 148 8.35 -17.88 20.05
CA GLU B 148 8.57 -18.75 18.86
C GLU B 148 8.55 -17.93 17.56
N LEU B 149 7.47 -17.17 17.29
CA LEU B 149 7.20 -16.55 15.94
C LEU B 149 7.65 -15.08 15.86
N GLY B 150 7.87 -14.39 16.99
CA GLY B 150 8.27 -12.97 17.01
C GLY B 150 7.07 -12.02 16.86
N PRO B 152 5.54 -9.59 14.89
CA PRO B 152 4.47 -9.48 13.90
C PRO B 152 3.74 -10.80 13.72
N GLU B 153 4.46 -11.92 13.61
CA GLU B 153 3.78 -13.22 13.31
C GLU B 153 2.99 -13.75 14.53
N ALA B 154 3.15 -13.19 15.73
CA ALA B 154 2.47 -13.71 16.94
C ALA B 154 0.95 -13.41 16.85
N VAL B 155 0.18 -14.22 17.55
CA VAL B 155 -1.28 -14.03 17.72
C VAL B 155 -1.49 -13.01 18.83
N TRP B 156 -1.99 -11.84 18.49
CA TRP B 156 -2.28 -10.77 19.46
C TRP B 156 -3.78 -10.74 19.70
N GLU B 157 -4.18 -10.77 20.97
CA GLU B 157 -5.60 -10.73 21.36
C GLU B 157 -5.93 -9.29 21.70
N LEU B 158 -6.85 -8.65 20.97
CA LEU B 158 -7.13 -7.22 21.14
C LEU B 158 -8.60 -6.97 21.51
N GLU B 159 -8.83 -5.85 22.21
CA GLU B 159 -10.14 -5.18 22.43
C GLU B 159 -10.13 -3.91 21.57
N VAL B 160 -11.12 -3.79 20.68
CA VAL B 160 -11.21 -2.64 19.72
C VAL B 160 -12.51 -1.89 19.93
N ASN B 161 -12.54 -0.61 19.54
CA ASN B 161 -13.74 0.24 19.55
C ASN B 161 -13.83 0.96 18.20
N ASN B 162 -14.98 0.86 17.51
CA ASN B 162 -15.21 1.48 16.19
C ASN B 162 -14.10 1.10 15.24
N PHE B 163 -13.71 -0.19 15.28
CA PHE B 163 -12.76 -0.82 14.32
C PHE B 163 -13.50 -0.96 12.98
N GLY B 164 -13.21 -0.02 12.09
CA GLY B 164 -13.93 0.16 10.82
C GLY B 164 -13.69 1.55 10.23
N PRO B 165 -14.36 1.90 9.10
CA PRO B 165 -15.40 1.05 8.51
C PRO B 165 -14.80 -0.16 7.78
N LEU B 166 -15.48 -1.30 7.87
CA LEU B 166 -15.14 -2.52 7.12
C LEU B 166 -16.23 -2.77 6.10
N ILE B 167 -15.87 -3.26 4.92
CA ILE B 167 -16.83 -3.56 3.82
C ILE B 167 -17.06 -5.07 3.78
N VAL B 168 -18.29 -5.54 3.71
CA VAL B 168 -18.55 -6.99 3.52
C VAL B 168 -18.20 -7.32 2.06
N ALA B 169 -17.11 -8.01 1.80
CA ALA B 169 -16.62 -8.17 0.41
C ALA B 169 -16.74 -9.60 -0.08
N ASP B 171 -19.41 -12.91 1.21
CA ASP B 171 -20.45 -13.29 2.16
C ASP B 171 -20.60 -14.82 2.19
N SER B 172 -21.58 -15.30 3.00
CA SER B 172 -21.92 -16.73 3.23
C SER B 172 -23.03 -17.16 2.26
N HIS B 173 -23.35 -16.29 1.31
CA HIS B 173 -24.43 -16.44 0.30
C HIS B 173 -23.86 -16.62 -1.11
N GLY B 174 -22.55 -16.87 -1.24
CA GLY B 174 -21.92 -17.20 -2.53
C GLY B 174 -21.47 -15.98 -3.34
N ASN B 175 -21.50 -14.75 -2.80
CA ASN B 175 -21.16 -13.49 -3.51
C ASN B 175 -19.80 -12.90 -3.10
N SER B 176 -19.02 -12.41 -4.07
CA SER B 176 -17.67 -11.79 -3.87
C SER B 176 -17.63 -10.46 -4.62
N ILE B 177 -17.39 -9.35 -3.95
CA ILE B 177 -17.42 -8.01 -4.63
C ILE B 177 -16.24 -7.90 -5.61
N TYR B 178 -15.14 -8.59 -5.33
CA TYR B 178 -13.93 -8.62 -6.18
C TYR B 178 -14.30 -9.27 -7.53
N GLU B 179 -14.86 -10.48 -7.51
CA GLU B 179 -15.32 -11.21 -8.72
C GLU B 179 -16.28 -10.32 -9.53
N GLU B 180 -17.16 -9.55 -8.87
CA GLU B 180 -18.21 -8.70 -9.53
C GLU B 180 -17.55 -7.55 -10.31
N VAL B 181 -16.69 -6.80 -9.62
CA VAL B 181 -16.00 -5.61 -10.18
C VAL B 181 -15.08 -6.04 -11.33
N ASN B 182 -14.36 -7.17 -11.19
CA ASN B 182 -13.44 -7.66 -12.25
C ASN B 182 -14.22 -7.99 -13.55
N LYS B 183 -15.44 -8.55 -13.48
CA LYS B 183 -16.27 -8.85 -14.68
C LYS B 183 -16.75 -7.54 -15.31
N LYS B 184 -17.22 -6.59 -14.52
CA LYS B 184 -17.64 -5.29 -15.07
C LYS B 184 -16.43 -4.60 -15.73
N VAL B 185 -15.28 -4.60 -15.08
CA VAL B 185 -14.01 -3.95 -15.53
C VAL B 185 -13.58 -4.57 -16.88
N TYR B 186 -13.59 -5.90 -17.03
CA TYR B 186 -13.35 -6.61 -18.33
C TYR B 186 -14.27 -6.05 -19.43
N GLU B 187 -15.55 -5.79 -19.11
CA GLU B 187 -16.58 -5.41 -20.12
C GLU B 187 -16.30 -3.99 -20.61
N LYS B 188 -16.06 -3.06 -19.69
CA LYS B 188 -15.78 -1.61 -19.97
C LYS B 188 -14.44 -1.48 -20.66
N LEU B 189 -13.48 -2.38 -20.39
CA LEU B 189 -12.14 -2.32 -20.99
C LEU B 189 -12.25 -2.70 -22.47
N ASN B 190 -12.99 -3.77 -22.79
CA ASN B 190 -13.19 -4.17 -24.21
C ASN B 190 -13.74 -2.97 -24.97
N GLU B 191 -14.74 -2.25 -24.44
CA GLU B 191 -15.39 -1.07 -25.11
C GLU B 191 -14.36 0.06 -25.37
N LEU B 192 -13.17 0.02 -24.76
CA LEU B 192 -12.09 1.04 -24.95
C LEU B 192 -10.93 0.48 -25.81
N ILE B 193 -10.61 -0.82 -25.73
CA ILE B 193 -9.36 -1.43 -26.29
C ILE B 193 -9.69 -1.96 -27.70
#